data_8EK9
#
_entry.id   8EK9
#
_cell.length_a   36.500
_cell.length_b   73.790
_cell.length_c   51.530
_cell.angle_alpha   90.000
_cell.angle_beta   92.640
_cell.angle_gamma   90.000
#
_symmetry.space_group_name_H-M   'P 1 21 1'
#
loop_
_entity.id
_entity.type
_entity.pdbx_description
1 polymer Beta-lactamase
2 non-polymer (2S,5R)-1-formyl-5-[(sulfooxy)amino]piperidine-2-carboxamide
3 water water
#
_entity_poly.entity_id   1
_entity_poly.type   'polypeptide(L)'
_entity_poly.pdbx_seq_one_letter_code
;ADPLSVAADKLAKLERDFGGSIGVYAIDTGSGATVANRPNERFPLCSSFKGFLAAGVLAQSQDKPGLLDKRIRYSKAALP
NWSPITTKHQASGMTVAELNAASVQYSDNGAANLLLKEINGPAALTTFMRSIGDASFRLDRLEPELNSAIPRDPRDTSTP
KAVAESAQKLALGKALPEPQRQQLADWLKGNTTGNARIRAAVPAGWEVGDKTGTCGVYGTANDFAVIWPPKRAPIVLAVY
TKHAKKEAKHSDEVIAAAARAALEAFNVKK
;
_entity_poly.pdbx_strand_id   A
#
# COMPACT_ATOMS: atom_id res chain seq x y z
N SER A 5 -18.45 -2.52 -18.81
CA SER A 5 -18.68 -3.73 -18.04
C SER A 5 -19.61 -3.46 -16.86
N VAL A 6 -20.11 -4.52 -16.24
CA VAL A 6 -20.82 -4.37 -14.98
C VAL A 6 -19.97 -3.58 -14.00
N ALA A 7 -18.74 -4.06 -13.77
CA ALA A 7 -17.85 -3.42 -12.81
C ALA A 7 -17.59 -1.96 -13.15
N ALA A 8 -17.32 -1.66 -14.43
CA ALA A 8 -17.06 -0.28 -14.83
C ALA A 8 -18.27 0.60 -14.54
N ASP A 9 -19.47 0.10 -14.80
CA ASP A 9 -20.68 0.88 -14.52
C ASP A 9 -20.83 1.12 -13.02
N LYS A 10 -20.60 0.10 -12.21
CA LYS A 10 -20.71 0.28 -10.76
C LYS A 10 -19.67 1.28 -10.27
N LEU A 11 -18.47 1.22 -10.85
CA LEU A 11 -17.42 2.14 -10.42
C LEU A 11 -17.73 3.57 -10.85
N ALA A 12 -18.34 3.73 -12.02
CA ALA A 12 -18.74 5.06 -12.44
C ALA A 12 -19.79 5.65 -11.50
N LYS A 13 -20.73 4.82 -11.02
CA LYS A 13 -21.75 5.33 -10.12
C LYS A 13 -21.16 5.70 -8.77
N LEU A 14 -20.24 4.87 -8.28
CA LEU A 14 -19.52 5.23 -7.06
C LEU A 14 -18.83 6.57 -7.20
N GLU A 15 -18.18 6.83 -8.34
CA GLU A 15 -17.52 8.12 -8.55
C GLU A 15 -18.50 9.27 -8.51
N ARG A 16 -19.66 9.11 -9.18
CA ARG A 16 -20.64 10.19 -9.21
C ARG A 16 -21.06 10.59 -7.81
N ASP A 17 -21.41 9.60 -6.98
CA ASP A 17 -21.87 9.91 -5.62
C ASP A 17 -20.74 10.44 -4.75
N PHE A 18 -19.52 9.93 -4.97
CA PHE A 18 -18.38 10.38 -4.18
C PHE A 18 -17.96 11.79 -4.54
N GLY A 19 -18.15 12.18 -5.80
CA GLY A 19 -17.73 13.50 -6.25
C GLY A 19 -16.30 13.58 -6.71
N GLY A 20 -15.55 12.48 -6.66
CA GLY A 20 -14.18 12.47 -7.09
C GLY A 20 -13.85 11.24 -7.91
N SER A 21 -12.57 10.89 -7.98
CA SER A 21 -12.08 9.86 -8.87
C SER A 21 -11.69 8.62 -8.06
N ILE A 22 -11.99 7.46 -8.61
CA ILE A 22 -11.69 6.18 -7.98
C ILE A 22 -10.87 5.39 -8.99
N GLY A 23 -9.61 5.13 -8.66
CA GLY A 23 -8.74 4.35 -9.49
C GLY A 23 -8.68 2.92 -8.99
N VAL A 24 -8.87 1.97 -9.91
CA VAL A 24 -8.94 0.56 -9.55
C VAL A 24 -8.08 -0.23 -10.52
N TYR A 25 -7.33 -1.20 -10.01
CA TYR A 25 -6.76 -2.22 -10.89
C TYR A 25 -6.78 -3.51 -10.10
N ALA A 26 -7.42 -4.52 -10.67
CA ALA A 26 -7.54 -5.84 -10.06
C ALA A 26 -6.99 -6.87 -11.03
N ILE A 27 -6.32 -7.88 -10.49
CA ILE A 27 -5.73 -8.97 -11.27
C ILE A 27 -6.19 -10.27 -10.64
N ASP A 28 -6.89 -11.11 -11.43
CA ASP A 28 -7.14 -12.49 -11.00
C ASP A 28 -5.98 -13.32 -11.55
N THR A 29 -5.11 -13.79 -10.66
CA THR A 29 -3.94 -14.52 -11.12
C THR A 29 -4.25 -15.94 -11.57
N GLY A 30 -5.47 -16.42 -11.35
CA GLY A 30 -5.89 -17.67 -11.97
C GLY A 30 -6.08 -17.51 -13.46
N SER A 31 -7.12 -16.78 -13.87
CA SER A 31 -7.43 -16.63 -15.28
C SER A 31 -6.58 -15.58 -16.00
N GLY A 32 -5.99 -14.64 -15.27
CA GLY A 32 -5.38 -13.48 -15.89
C GLY A 32 -6.34 -12.33 -16.12
N ALA A 33 -7.61 -12.47 -15.74
CA ALA A 33 -8.59 -11.42 -15.95
C ALA A 33 -8.23 -10.19 -15.13
N THR A 34 -8.61 -9.03 -15.65
CA THR A 34 -8.36 -7.75 -14.97
C THR A 34 -9.63 -6.92 -14.91
N VAL A 35 -9.68 -6.03 -13.91
CA VAL A 35 -10.66 -4.96 -13.81
C VAL A 35 -9.87 -3.68 -13.69
N ALA A 36 -10.28 -2.65 -14.41
CA ALA A 36 -9.53 -1.40 -14.40
C ALA A 36 -10.47 -0.21 -14.42
N ASN A 37 -10.10 0.83 -13.69
CA ASN A 37 -10.75 2.11 -13.83
C ASN A 37 -9.67 3.14 -13.56
N ARG A 38 -9.48 4.06 -14.51
CA ARG A 38 -8.43 5.07 -14.43
C ARG A 38 -7.09 4.39 -14.12
N PRO A 39 -6.74 3.32 -14.86
CA PRO A 39 -5.59 2.51 -14.44
C PRO A 39 -4.28 3.25 -14.49
N ASN A 40 -4.13 4.23 -15.39
CA ASN A 40 -2.86 4.89 -15.63
C ASN A 40 -2.86 6.30 -15.09
N GLU A 41 -3.89 6.69 -14.34
CA GLU A 41 -3.93 8.00 -13.71
C GLU A 41 -3.16 7.97 -12.40
N ARG A 42 -2.56 9.10 -12.06
CA ARG A 42 -1.79 9.19 -10.81
C ARG A 42 -2.70 9.47 -9.63
N PHE A 43 -2.43 8.78 -8.52
CA PHE A 43 -3.07 9.08 -7.26
C PHE A 43 -1.99 9.16 -6.20
N PRO A 44 -2.19 9.99 -5.16
CA PRO A 44 -1.22 10.01 -4.03
C PRO A 44 -1.15 8.65 -3.36
N LEU A 45 0.07 8.26 -3.00
CA LEU A 45 0.28 7.00 -2.28
C LEU A 45 -0.15 7.13 -0.81
N CYS A 46 0.05 8.29 -0.20
CA CYS A 46 -0.10 8.42 1.25
C CYS A 46 0.68 7.29 1.95
N SER A 47 0.14 6.72 3.03
CA SER A 47 0.88 5.67 3.75
C SER A 47 1.04 4.38 2.95
N SER A 48 0.33 4.19 1.84
CA SER A 48 0.50 2.94 1.13
C SER A 48 1.91 2.71 0.62
N PHE A 49 2.73 3.77 0.48
CA PHE A 49 4.10 3.56 0.05
C PHE A 49 4.86 2.62 0.98
N LYS A 50 4.42 2.51 2.25
CA LYS A 50 5.15 1.72 3.24
C LYS A 50 5.20 0.24 2.89
N GLY A 51 4.24 -0.29 2.15
CA GLY A 51 4.38 -1.66 1.73
C GLY A 51 5.52 -1.85 0.76
N PHE A 52 5.70 -0.88 -0.14
CA PHE A 52 6.83 -0.93 -1.06
C PHE A 52 8.15 -0.62 -0.36
N LEU A 53 8.12 0.28 0.64
CA LEU A 53 9.31 0.50 1.46
C LEU A 53 9.78 -0.81 2.08
N ALA A 54 8.85 -1.63 2.58
CA ALA A 54 9.24 -2.90 3.19
C ALA A 54 9.94 -3.78 2.16
N ALA A 55 9.38 -3.83 0.94
CA ALA A 55 10.03 -4.58 -0.13
C ALA A 55 11.42 -4.04 -0.44
N GLY A 56 11.58 -2.73 -0.44
CA GLY A 56 12.90 -2.16 -0.69
C GLY A 56 13.90 -2.48 0.41
N VAL A 57 13.46 -2.53 1.67
CA VAL A 57 14.34 -2.91 2.77
C VAL A 57 14.72 -4.38 2.64
N LEU A 58 13.75 -5.24 2.30
CA LEU A 58 14.05 -6.65 2.11
C LEU A 58 15.04 -6.86 0.97
N ALA A 59 14.95 -6.03 -0.08
CA ALA A 59 15.89 -6.11 -1.20
C ALA A 59 17.30 -5.77 -0.75
N GLN A 60 17.44 -4.75 0.11
CA GLN A 60 18.74 -4.45 0.71
C GLN A 60 19.26 -5.61 1.55
N SER A 61 18.37 -6.37 2.18
CA SER A 61 18.80 -7.43 3.09
C SER A 61 19.44 -8.61 2.37
N GLN A 62 19.18 -8.77 1.07
CA GLN A 62 19.91 -9.78 0.29
C GLN A 62 21.39 -9.44 0.25
N ASP A 63 21.71 -8.14 0.24
CA ASP A 63 23.08 -7.65 0.27
C ASP A 63 23.67 -7.77 1.66
N LYS A 64 22.99 -7.21 2.68
CA LYS A 64 23.45 -7.12 4.06
C LYS A 64 22.68 -8.08 4.95
N PRO A 65 23.10 -9.34 5.06
CA PRO A 65 22.46 -10.24 6.03
C PRO A 65 22.56 -9.69 7.45
N GLY A 66 21.65 -10.16 8.29
CA GLY A 66 21.46 -9.55 9.58
C GLY A 66 20.78 -8.20 9.56
N LEU A 67 20.47 -7.64 8.38
CA LEU A 67 19.84 -6.31 8.33
C LEU A 67 18.54 -6.28 9.14
N LEU A 68 17.69 -7.30 8.97
CA LEU A 68 16.44 -7.34 9.73
C LEU A 68 16.68 -7.41 11.24
N ASP A 69 17.83 -7.92 11.66
CA ASP A 69 18.17 -8.00 13.08
C ASP A 69 18.86 -6.75 13.61
N LYS A 70 19.28 -5.83 12.76
CA LYS A 70 19.98 -4.64 13.23
C LYS A 70 19.05 -3.80 14.10
N ARG A 71 19.54 -3.44 15.28
CA ARG A 71 18.74 -2.64 16.21
C ARG A 71 18.99 -1.16 15.95
N ILE A 72 17.91 -0.40 15.80
CA ILE A 72 17.97 1.02 15.53
C ILE A 72 17.51 1.74 16.79
N ARG A 73 18.34 2.64 17.28
CA ARG A 73 17.94 3.46 18.42
C ARG A 73 17.79 4.89 17.94
N TYR A 74 16.87 5.61 18.55
CA TYR A 74 16.46 6.91 18.06
C TYR A 74 15.98 7.75 19.23
N SER A 75 15.89 9.02 18.98
CA SER A 75 15.41 9.94 20.00
C SER A 75 13.90 10.07 19.93
N LYS A 76 13.33 10.50 21.06
CA LYS A 76 11.92 10.84 21.10
C LYS A 76 11.63 12.07 20.24
N ALA A 77 12.50 13.07 20.32
CA ALA A 77 12.25 14.34 19.63
C ALA A 77 12.31 14.19 18.11
N ALA A 78 12.99 13.16 17.60
CA ALA A 78 13.09 12.93 16.16
C ALA A 78 11.87 12.25 15.56
N LEU A 79 10.96 11.73 16.38
CA LEU A 79 9.83 11.01 15.81
C LEU A 79 8.78 11.99 15.29
N PRO A 80 8.26 11.78 14.09
CA PRO A 80 7.15 12.58 13.59
C PRO A 80 5.86 12.20 14.29
N ASN A 81 4.82 12.97 13.97
CA ASN A 81 3.50 12.63 14.44
C ASN A 81 3.11 11.25 13.95
N TRP A 82 2.18 10.64 14.65
CA TRP A 82 1.58 9.37 14.28
C TRP A 82 2.66 8.27 14.31
N SER A 83 3.28 8.13 15.49
CA SER A 83 4.35 7.14 15.73
C SER A 83 4.04 6.33 16.98
N PRO A 84 2.94 5.60 16.98
CA PRO A 84 2.54 4.93 18.24
C PRO A 84 3.49 3.83 18.66
N ILE A 85 3.92 2.98 17.71
CA ILE A 85 4.84 1.89 18.07
C ILE A 85 6.23 2.41 18.40
N THR A 86 6.81 3.26 17.54
CA THR A 86 8.16 3.71 17.80
C THR A 86 8.23 4.53 19.08
N THR A 87 7.18 5.26 19.41
CA THR A 87 7.19 6.03 20.64
C THR A 87 7.30 5.10 21.82
N LYS A 88 6.52 4.02 21.78
CA LYS A 88 6.43 3.09 22.90
C LYS A 88 7.76 2.38 23.14
N HIS A 89 8.57 2.20 22.11
CA HIS A 89 9.78 1.38 22.19
C HIS A 89 11.06 2.21 22.13
N GLN A 90 10.98 3.50 22.40
CA GLN A 90 12.16 4.34 22.29
C GLN A 90 13.27 3.88 23.24
N ALA A 91 12.91 3.46 24.46
CA ALA A 91 13.95 3.05 25.39
C ALA A 91 14.65 1.78 24.93
N SER A 92 13.97 0.89 24.20
CA SER A 92 14.59 -0.37 23.82
C SER A 92 15.23 -0.35 22.45
N GLY A 93 14.89 0.64 21.63
CA GLY A 93 15.16 0.58 20.20
C GLY A 93 14.25 -0.46 19.55
N MET A 94 14.36 -0.55 18.23
CA MET A 94 13.60 -1.56 17.49
C MET A 94 14.50 -2.13 16.40
N THR A 95 14.32 -3.42 16.12
CA THR A 95 15.07 -3.96 15.00
C THR A 95 14.44 -3.53 13.67
N VAL A 96 15.21 -3.69 12.60
CA VAL A 96 14.69 -3.36 11.26
C VAL A 96 13.44 -4.17 10.97
N ALA A 97 13.40 -5.44 11.39
CA ALA A 97 12.19 -6.23 11.20
C ALA A 97 11.01 -5.67 11.98
N GLU A 98 11.24 -5.29 13.24
CA GLU A 98 10.19 -4.74 14.07
C GLU A 98 9.70 -3.43 13.47
N LEU A 99 10.62 -2.62 12.94
CA LEU A 99 10.21 -1.36 12.33
C LEU A 99 9.33 -1.60 11.13
N ASN A 100 9.65 -2.61 10.31
CA ASN A 100 8.78 -2.94 9.17
C ASN A 100 7.41 -3.41 9.65
N ALA A 101 7.37 -4.26 10.67
CA ALA A 101 6.08 -4.66 11.21
C ALA A 101 5.25 -3.46 11.66
N ALA A 102 5.88 -2.46 12.32
CA ALA A 102 5.10 -1.32 12.78
C ALA A 102 4.71 -0.44 11.60
N SER A 103 5.62 -0.26 10.64
CA SER A 103 5.34 0.58 9.48
C SER A 103 4.22 -0.03 8.64
N VAL A 104 4.31 -1.34 8.37
CA VAL A 104 3.31 -1.98 7.51
C VAL A 104 1.99 -2.18 8.24
N GLN A 105 2.05 -2.70 9.47
CA GLN A 105 0.86 -3.20 10.14
C GLN A 105 0.17 -2.17 11.01
N TYR A 106 0.89 -1.13 11.43
CA TYR A 106 0.28 -0.05 12.17
C TYR A 106 0.41 1.28 11.48
N SER A 107 1.10 1.34 10.35
CA SER A 107 1.34 2.61 9.63
C SER A 107 2.09 3.63 10.50
N ASP A 108 3.05 3.14 11.28
CA ASP A 108 3.82 4.02 12.14
C ASP A 108 4.72 4.93 11.28
N ASN A 109 4.48 6.25 11.36
CA ASN A 109 5.24 7.17 10.50
C ASN A 109 6.71 7.24 10.92
N GLY A 110 7.00 7.22 12.22
CA GLY A 110 8.39 7.25 12.65
C GLY A 110 9.15 6.03 12.14
N ALA A 111 8.51 4.87 12.18
CA ALA A 111 9.14 3.66 11.67
C ALA A 111 9.44 3.81 10.18
N ALA A 112 8.48 4.33 9.41
CA ALA A 112 8.70 4.50 7.99
C ALA A 112 9.86 5.45 7.70
N ASN A 113 9.96 6.57 8.43
CA ASN A 113 11.05 7.50 8.18
C ASN A 113 12.39 6.90 8.60
N LEU A 114 12.42 6.12 9.69
CA LEU A 114 13.65 5.44 10.06
C LEU A 114 14.08 4.44 8.98
N LEU A 115 13.12 3.71 8.39
CA LEU A 115 13.51 2.75 7.35
C LEU A 115 13.92 3.47 6.07
N LEU A 116 13.27 4.59 5.73
CA LEU A 116 13.74 5.42 4.63
C LEU A 116 15.20 5.80 4.81
N LYS A 117 15.59 6.19 6.04
CA LYS A 117 16.97 6.52 6.29
C LYS A 117 17.86 5.29 6.09
N GLU A 118 17.40 4.12 6.55
CA GLU A 118 18.16 2.89 6.36
C GLU A 118 18.46 2.60 4.90
N ILE A 119 17.51 2.84 4.00
CA ILE A 119 17.71 2.48 2.60
C ILE A 119 18.15 3.67 1.75
N ASN A 120 18.42 4.81 2.40
CA ASN A 120 19.02 6.00 1.81
C ASN A 120 18.04 6.93 1.10
N GLY A 121 16.76 6.90 1.45
CA GLY A 121 15.89 8.00 1.11
C GLY A 121 14.85 7.66 0.04
N PRO A 122 13.91 8.57 -0.13
CA PRO A 122 12.85 8.37 -1.12
C PRO A 122 13.37 8.11 -2.53
N ALA A 123 14.42 8.81 -2.98
CA ALA A 123 14.93 8.51 -4.31
C ALA A 123 15.44 7.08 -4.41
N ALA A 124 16.10 6.58 -3.37
CA ALA A 124 16.58 5.20 -3.36
C ALA A 124 15.42 4.21 -3.46
N LEU A 125 14.32 4.47 -2.75
CA LEU A 125 13.16 3.59 -2.86
C LEU A 125 12.60 3.63 -4.27
N THR A 126 12.54 4.83 -4.86
CA THR A 126 12.05 4.99 -6.23
C THR A 126 12.92 4.23 -7.21
N THR A 127 14.24 4.26 -7.02
CA THR A 127 15.15 3.47 -7.87
C THR A 127 14.89 1.97 -7.75
N PHE A 128 14.65 1.48 -6.53
CA PHE A 128 14.32 0.07 -6.40
C PHE A 128 13.06 -0.25 -7.18
N MET A 129 12.04 0.59 -7.07
CA MET A 129 10.80 0.34 -7.81
C MET A 129 11.07 0.35 -9.31
N ARG A 130 11.90 1.28 -9.80
CA ARG A 130 12.24 1.27 -11.22
C ARG A 130 12.93 -0.03 -11.58
N SER A 131 13.71 -0.60 -10.67
CA SER A 131 14.45 -1.84 -10.95
C SER A 131 13.55 -3.05 -11.14
N ILE A 132 12.31 -3.01 -10.64
CA ILE A 132 11.37 -4.10 -10.88
C ILE A 132 10.48 -3.84 -12.10
N GLY A 133 10.76 -2.76 -12.83
CA GLY A 133 9.97 -2.38 -13.98
C GLY A 133 8.78 -1.51 -13.68
N ASP A 134 8.74 -0.88 -12.49
CA ASP A 134 7.66 0.06 -12.17
C ASP A 134 8.17 1.45 -12.52
N ALA A 135 7.65 2.01 -13.60
CA ALA A 135 8.04 3.31 -14.08
C ALA A 135 7.16 4.43 -13.54
N SER A 136 6.13 4.10 -12.78
CA SER A 136 5.13 5.04 -12.30
C SER A 136 5.37 5.50 -10.87
N PHE A 137 5.74 4.60 -10.00
CA PHE A 137 5.98 4.92 -8.60
C PHE A 137 6.99 6.05 -8.46
N ARG A 138 6.64 7.06 -7.66
CA ARG A 138 7.66 8.02 -7.25
C ARG A 138 7.42 8.43 -5.81
N LEU A 139 8.45 8.31 -4.98
CA LEU A 139 8.43 8.89 -3.63
C LEU A 139 9.42 10.05 -3.63
N ASP A 140 8.95 11.22 -3.20
CA ASP A 140 9.70 12.47 -3.26
C ASP A 140 9.99 13.06 -1.87
N ARG A 141 9.14 12.78 -0.90
CA ARG A 141 9.19 13.45 0.39
C ARG A 141 9.07 12.42 1.51
N LEU A 142 9.29 12.87 2.76
CA LEU A 142 9.18 12.03 3.94
C LEU A 142 7.82 12.24 4.61
N GLU A 143 7.57 11.44 5.64
CA GLU A 143 6.40 11.67 6.49
C GLU A 143 6.67 12.92 7.33
N PRO A 144 5.70 13.84 7.44
CA PRO A 144 4.31 13.77 6.97
C PRO A 144 4.05 14.54 5.68
N GLU A 145 5.06 15.22 5.15
CA GLU A 145 4.83 16.12 4.02
C GLU A 145 4.37 15.38 2.76
N LEU A 146 4.67 14.09 2.63
CA LEU A 146 4.26 13.34 1.44
C LEU A 146 2.75 13.20 1.31
N ASN A 147 1.98 13.62 2.30
CA ASN A 147 0.53 13.44 2.30
C ASN A 147 -0.25 14.65 1.80
N SER A 148 0.42 15.64 1.21
CA SER A 148 -0.28 16.89 0.84
C SER A 148 -1.38 16.66 -0.20
N ALA A 149 -1.19 15.72 -1.13
CA ALA A 149 -2.26 15.26 -2.00
C ALA A 149 -2.86 16.40 -2.84
N ILE A 150 -2.04 17.36 -3.22
CA ILE A 150 -2.53 18.51 -4.00
C ILE A 150 -2.99 18.04 -5.38
N PRO A 151 -4.20 18.41 -5.84
CA PRO A 151 -4.65 17.94 -7.14
C PRO A 151 -3.65 18.24 -8.25
N ARG A 152 -3.42 17.24 -9.10
CA ARG A 152 -2.54 17.24 -10.26
C ARG A 152 -1.06 17.13 -9.90
N ASP A 153 -0.69 17.27 -8.62
CA ASP A 153 0.73 17.31 -8.22
C ASP A 153 1.28 15.89 -8.33
N PRO A 154 2.34 15.63 -9.11
CA PRO A 154 2.82 14.25 -9.28
C PRO A 154 3.68 13.73 -8.14
N ARG A 155 4.10 14.56 -7.18
CA ARG A 155 4.95 14.04 -6.12
C ARG A 155 4.23 12.97 -5.32
N ASP A 156 4.96 11.91 -4.95
CA ASP A 156 4.49 10.94 -3.99
C ASP A 156 3.21 10.27 -4.51
N THR A 157 3.26 9.87 -5.79
CA THR A 157 2.11 9.22 -6.43
C THR A 157 2.53 7.93 -7.11
N SER A 158 1.52 7.15 -7.50
CA SER A 158 1.71 6.05 -8.45
C SER A 158 0.40 5.94 -9.21
N THR A 159 0.24 4.85 -9.96
CA THR A 159 -1.03 4.58 -10.64
C THR A 159 -1.60 3.28 -10.10
N PRO A 160 -2.93 3.09 -10.19
CA PRO A 160 -3.50 1.82 -9.71
C PRO A 160 -2.89 0.62 -10.38
N LYS A 161 -2.69 0.69 -11.70
CA LYS A 161 -2.09 -0.42 -12.41
C LYS A 161 -0.68 -0.75 -11.92
N ALA A 162 0.15 0.29 -11.70
CA ALA A 162 1.52 0.07 -11.23
C ALA A 162 1.53 -0.45 -9.79
N VAL A 163 0.65 0.07 -8.94
CA VAL A 163 0.56 -0.48 -7.57
C VAL A 163 0.22 -1.97 -7.61
N ALA A 164 -0.83 -2.34 -8.37
CA ALA A 164 -1.23 -3.75 -8.39
C ALA A 164 -0.15 -4.62 -9.03
N GLU A 165 0.40 -4.20 -10.17
CA GLU A 165 1.43 -5.00 -10.82
C GLU A 165 2.66 -5.16 -9.96
N SER A 166 3.06 -4.09 -9.26
CA SER A 166 4.23 -4.22 -8.40
C SER A 166 3.94 -5.10 -7.19
N ALA A 167 2.74 -4.97 -6.60
CA ALA A 167 2.35 -5.85 -5.49
C ALA A 167 2.38 -7.30 -5.93
N GLN A 168 1.93 -7.59 -7.17
CA GLN A 168 2.00 -8.96 -7.66
C GLN A 168 3.45 -9.44 -7.73
N LYS A 169 4.31 -8.63 -8.37
CA LYS A 169 5.70 -9.03 -8.53
C LYS A 169 6.39 -9.23 -7.20
N LEU A 170 6.11 -8.37 -6.22
CA LEU A 170 6.87 -8.44 -4.99
C LEU A 170 6.31 -9.46 -4.00
N ALA A 171 4.99 -9.56 -3.85
CA ALA A 171 4.42 -10.43 -2.83
C ALA A 171 4.00 -11.80 -3.37
N LEU A 172 3.81 -11.94 -4.69
CA LEU A 172 3.49 -13.24 -5.29
C LEU A 172 4.59 -13.78 -6.19
N GLY A 173 5.22 -12.92 -6.97
CA GLY A 173 6.20 -13.30 -7.97
C GLY A 173 7.61 -13.40 -7.43
N LYS A 174 8.57 -13.11 -8.31
CA LYS A 174 9.97 -13.42 -8.06
C LYS A 174 10.86 -12.18 -7.98
N ALA A 175 10.27 -10.99 -7.87
CA ALA A 175 11.09 -9.79 -7.75
C ALA A 175 12.01 -9.85 -6.52
N LEU A 176 11.59 -10.54 -5.46
CA LEU A 176 12.42 -10.78 -4.30
C LEU A 176 12.68 -12.28 -4.19
N PRO A 177 13.80 -12.70 -3.62
CA PRO A 177 13.98 -14.13 -3.34
C PRO A 177 12.87 -14.63 -2.44
N GLU A 178 12.60 -15.94 -2.52
CA GLU A 178 11.49 -16.55 -1.79
C GLU A 178 11.44 -16.24 -0.30
N PRO A 179 12.54 -16.32 0.47
CA PRO A 179 12.43 -15.97 1.90
C PRO A 179 11.99 -14.52 2.13
N GLN A 180 12.47 -13.60 1.31
CA GLN A 180 12.07 -12.21 1.44
C GLN A 180 10.62 -12.01 1.01
N ARG A 181 10.20 -12.65 -0.10
CA ARG A 181 8.81 -12.58 -0.52
C ARG A 181 7.89 -13.05 0.59
N GLN A 182 8.25 -14.16 1.22
CA GLN A 182 7.42 -14.67 2.29
C GLN A 182 7.34 -13.67 3.43
N GLN A 183 8.45 -13.02 3.76
CA GLN A 183 8.43 -12.03 4.84
C GLN A 183 7.52 -10.86 4.49
N LEU A 184 7.61 -10.35 3.26
CA LEU A 184 6.75 -9.25 2.81
C LEU A 184 5.30 -9.66 2.91
N ALA A 185 4.99 -10.87 2.40
CA ALA A 185 3.63 -11.37 2.47
C ALA A 185 3.16 -11.45 3.91
N ASP A 186 4.02 -11.97 4.82
CA ASP A 186 3.59 -12.13 6.20
C ASP A 186 3.35 -10.78 6.86
N TRP A 187 4.20 -9.79 6.55
CA TRP A 187 3.97 -8.45 7.09
C TRP A 187 2.63 -7.90 6.62
N LEU A 188 2.35 -8.01 5.32
CA LEU A 188 1.10 -7.48 4.79
C LEU A 188 -0.10 -8.23 5.37
N LYS A 189 0.01 -9.56 5.51
CA LYS A 189 -1.09 -10.36 6.06
C LYS A 189 -1.46 -9.98 7.48
N GLY A 190 -0.52 -9.47 8.29
CA GLY A 190 -0.87 -9.04 9.63
C GLY A 190 -1.25 -7.59 9.77
N ASN A 191 -1.56 -6.89 8.67
CA ASN A 191 -2.00 -5.51 8.81
C ASN A 191 -3.22 -5.42 9.71
N THR A 192 -3.28 -4.34 10.49
CA THR A 192 -4.38 -4.09 11.43
C THR A 192 -5.24 -2.91 11.03
N THR A 193 -4.85 -2.15 10.00
CA THR A 193 -5.53 -0.90 9.66
C THR A 193 -6.52 -1.01 8.53
N GLY A 194 -6.63 -2.17 7.86
CA GLY A 194 -7.41 -2.27 6.65
C GLY A 194 -8.78 -2.90 6.77
N ASN A 195 -9.32 -3.03 7.99
CA ASN A 195 -10.52 -3.85 8.13
C ASN A 195 -11.78 -3.24 7.51
N ALA A 196 -11.81 -1.91 7.29
CA ALA A 196 -12.94 -1.26 6.66
C ALA A 196 -12.76 -1.04 5.17
N ARG A 197 -11.68 -1.55 4.58
CA ARG A 197 -11.37 -1.23 3.18
C ARG A 197 -11.46 -2.51 2.36
N ILE A 198 -10.41 -2.91 1.64
CA ILE A 198 -10.52 -4.07 0.76
C ILE A 198 -11.05 -5.28 1.54
N ARG A 199 -10.52 -5.48 2.76
CA ARG A 199 -10.89 -6.67 3.55
C ARG A 199 -12.40 -6.74 3.79
N ALA A 200 -13.07 -5.59 3.92
CA ALA A 200 -14.53 -5.55 4.11
C ALA A 200 -15.28 -6.18 2.95
N ALA A 201 -14.63 -6.37 1.79
CA ALA A 201 -15.26 -6.95 0.62
C ALA A 201 -14.81 -8.39 0.36
N VAL A 202 -13.97 -8.94 1.21
CA VAL A 202 -13.37 -10.26 0.98
C VAL A 202 -14.12 -11.28 1.85
N PRO A 203 -14.49 -12.46 1.32
CA PRO A 203 -15.09 -13.50 2.16
C PRO A 203 -14.35 -13.71 3.47
N ALA A 204 -15.14 -13.94 4.52
CA ALA A 204 -14.59 -14.11 5.87
C ALA A 204 -13.51 -15.20 5.91
N GLY A 205 -12.47 -14.92 6.70
CA GLY A 205 -11.47 -15.91 7.01
C GLY A 205 -10.38 -16.06 5.97
N TRP A 206 -10.53 -15.47 4.79
CA TRP A 206 -9.48 -15.55 3.79
C TRP A 206 -8.35 -14.62 4.19
N GLU A 207 -7.13 -15.06 3.89
CA GLU A 207 -5.95 -14.27 4.17
C GLU A 207 -5.88 -13.11 3.18
N VAL A 208 -5.59 -11.92 3.71
CA VAL A 208 -5.51 -10.69 2.92
C VAL A 208 -4.32 -9.91 3.43
N GLY A 209 -3.32 -9.69 2.58
CA GLY A 209 -2.22 -8.82 2.93
C GLY A 209 -2.49 -7.47 2.28
N ASP A 210 -2.61 -6.43 3.08
CA ASP A 210 -2.91 -5.13 2.47
C ASP A 210 -2.16 -4.01 3.19
N LYS A 211 -2.08 -2.86 2.53
CA LYS A 211 -1.53 -1.64 3.10
C LYS A 211 -2.41 -0.48 2.69
N THR A 212 -2.90 0.24 3.70
CA THR A 212 -3.77 1.39 3.53
C THR A 212 -2.98 2.70 3.49
N GLY A 213 -3.63 3.72 2.96
CA GLY A 213 -3.12 5.09 2.97
C GLY A 213 -4.24 6.08 3.20
N THR A 214 -4.03 7.11 4.01
CA THR A 214 -5.06 8.11 4.23
C THR A 214 -4.39 9.48 4.29
N CYS A 215 -4.42 10.23 3.18
CA CYS A 215 -3.76 11.55 3.19
C CYS A 215 -4.49 12.58 4.07
N GLY A 216 -5.78 12.42 4.32
CA GLY A 216 -6.45 13.33 5.23
C GLY A 216 -6.92 14.63 4.62
N VAL A 217 -6.82 14.76 3.30
CA VAL A 217 -7.22 15.96 2.57
C VAL A 217 -7.59 15.52 1.18
N TYR A 218 -8.35 16.36 0.47
CA TYR A 218 -8.67 16.12 -0.94
C TYR A 218 -9.26 14.73 -1.17
N GLY A 219 -10.09 14.28 -0.23
CA GLY A 219 -10.77 12.99 -0.37
C GLY A 219 -9.85 11.84 -0.75
N THR A 220 -8.61 11.90 -0.25
CA THR A 220 -7.56 11.03 -0.77
C THR A 220 -7.22 9.92 0.22
N ALA A 221 -7.50 8.69 -0.19
CA ALA A 221 -7.22 7.50 0.62
C ALA A 221 -7.19 6.31 -0.31
N ASN A 222 -6.70 5.17 0.20
CA ASN A 222 -6.44 4.04 -0.67
C ASN A 222 -6.16 2.77 0.14
N ASP A 223 -6.01 1.69 -0.60
CA ASP A 223 -5.69 0.38 -0.05
C ASP A 223 -5.21 -0.45 -1.22
N PHE A 224 -4.16 -1.25 -1.02
CA PHE A 224 -3.85 -2.29 -2.00
C PHE A 224 -3.69 -3.62 -1.28
N ALA A 225 -4.04 -4.71 -1.98
CA ALA A 225 -4.13 -5.98 -1.30
C ALA A 225 -3.71 -7.11 -2.21
N VAL A 226 -3.17 -8.14 -1.57
CA VAL A 226 -3.06 -9.48 -2.15
C VAL A 226 -3.97 -10.37 -1.33
N ILE A 227 -4.89 -11.05 -2.01
CA ILE A 227 -5.88 -11.91 -1.35
C ILE A 227 -5.49 -13.33 -1.71
N TRP A 228 -5.42 -14.20 -0.68
CA TRP A 228 -5.05 -15.61 -0.84
C TRP A 228 -6.25 -16.47 -0.45
N PRO A 229 -7.14 -16.79 -1.38
CA PRO A 229 -8.30 -17.63 -1.04
C PRO A 229 -7.84 -19.03 -0.69
N PRO A 230 -8.66 -19.80 0.02
CA PRO A 230 -8.28 -21.19 0.27
C PRO A 230 -8.42 -22.09 -0.94
N LYS A 231 -9.40 -21.85 -1.84
CA LYS A 231 -9.72 -22.79 -2.92
C LYS A 231 -9.32 -22.31 -4.32
N ARG A 232 -8.92 -21.05 -4.48
CA ARG A 232 -8.66 -20.50 -5.81
C ARG A 232 -7.41 -19.62 -5.77
N ALA A 233 -7.01 -19.17 -6.96
CA ALA A 233 -5.72 -18.50 -7.10
C ALA A 233 -5.76 -17.10 -6.48
N PRO A 234 -4.62 -16.60 -6.05
CA PRO A 234 -4.57 -15.24 -5.49
C PRO A 234 -5.10 -14.16 -6.42
N ILE A 235 -5.63 -13.09 -5.80
CA ILE A 235 -6.15 -11.93 -6.51
C ILE A 235 -5.44 -10.71 -5.95
N VAL A 236 -5.05 -9.80 -6.83
CA VAL A 236 -4.38 -8.56 -6.43
C VAL A 236 -5.31 -7.39 -6.76
N LEU A 237 -5.43 -6.42 -5.85
CA LEU A 237 -6.38 -5.34 -6.03
C LEU A 237 -5.83 -4.03 -5.46
N ALA A 238 -5.89 -2.97 -6.25
CA ALA A 238 -5.50 -1.63 -5.80
C ALA A 238 -6.69 -0.70 -5.95
N VAL A 239 -7.04 0.03 -4.90
CA VAL A 239 -8.15 0.97 -4.93
C VAL A 239 -7.65 2.28 -4.34
N TYR A 240 -7.67 3.35 -5.16
CA TYR A 240 -7.16 4.66 -4.81
C TYR A 240 -8.21 5.74 -5.07
N THR A 241 -8.35 6.71 -4.15
CA THR A 241 -9.32 7.78 -4.37
C THR A 241 -8.64 9.14 -4.27
N LYS A 242 -9.25 10.10 -4.93
CA LYS A 242 -8.88 11.51 -4.78
C LYS A 242 -10.10 12.33 -5.16
N HIS A 243 -10.05 13.61 -4.79
CA HIS A 243 -11.18 14.53 -4.95
C HIS A 243 -10.59 15.92 -5.17
N ALA A 244 -11.30 16.75 -5.92
CA ALA A 244 -10.73 18.05 -6.24
C ALA A 244 -10.83 19.07 -5.11
N LYS A 245 -11.67 18.84 -4.09
CA LYS A 245 -11.91 19.81 -3.02
C LYS A 245 -11.12 19.45 -1.77
N LYS A 246 -10.36 20.42 -1.24
CA LYS A 246 -9.51 20.15 -0.09
C LYS A 246 -10.29 19.51 1.05
N GLU A 247 -11.49 20.01 1.32
CA GLU A 247 -12.25 19.59 2.49
C GLU A 247 -13.05 18.32 2.27
N ALA A 248 -13.02 17.76 1.06
CA ALA A 248 -13.73 16.51 0.83
C ALA A 248 -13.11 15.42 1.69
N LYS A 249 -13.97 14.62 2.31
CA LYS A 249 -13.50 13.56 3.19
C LYS A 249 -13.31 12.28 2.38
N HIS A 250 -12.29 11.51 2.75
CA HIS A 250 -12.20 10.19 2.12
C HIS A 250 -13.33 9.32 2.64
N SER A 251 -13.48 8.16 2.04
CA SER A 251 -14.52 7.22 2.47
C SER A 251 -13.99 5.79 2.44
N ASP A 252 -13.96 5.17 3.63
CA ASP A 252 -13.76 3.73 3.69
C ASP A 252 -14.82 2.98 2.90
N GLU A 253 -16.08 3.42 3.01
CA GLU A 253 -17.16 2.68 2.36
C GLU A 253 -17.01 2.71 0.85
N VAL A 254 -16.58 3.84 0.29
CA VAL A 254 -16.36 3.90 -1.15
C VAL A 254 -15.27 2.94 -1.58
N ILE A 255 -14.18 2.85 -0.80
CA ILE A 255 -13.10 1.93 -1.16
C ILE A 255 -13.58 0.48 -1.09
N ALA A 256 -14.28 0.13 0.01
CA ALA A 256 -14.85 -1.21 0.14
C ALA A 256 -15.83 -1.52 -0.99
N ALA A 257 -16.68 -0.55 -1.35
CA ALA A 257 -17.63 -0.75 -2.43
C ALA A 257 -16.93 -0.98 -3.77
N ALA A 258 -15.89 -0.17 -4.06
CA ALA A 258 -15.12 -0.38 -5.27
C ALA A 258 -14.44 -1.75 -5.29
N ALA A 259 -13.88 -2.16 -4.14
CA ALA A 259 -13.32 -3.51 -4.06
C ALA A 259 -14.38 -4.58 -4.36
N ARG A 260 -15.58 -4.43 -3.76
CA ARG A 260 -16.67 -5.37 -4.02
C ARG A 260 -16.99 -5.48 -5.50
N ALA A 261 -17.06 -4.34 -6.20
CA ALA A 261 -17.37 -4.33 -7.63
C ALA A 261 -16.32 -5.09 -8.42
N ALA A 262 -15.03 -4.86 -8.11
CA ALA A 262 -13.98 -5.58 -8.84
C ALA A 262 -14.03 -7.07 -8.55
N LEU A 263 -14.21 -7.43 -7.29
CA LEU A 263 -14.21 -8.84 -6.93
C LEU A 263 -15.38 -9.58 -7.55
N GLU A 264 -16.53 -8.91 -7.67
CA GLU A 264 -17.70 -9.53 -8.31
C GLU A 264 -17.40 -9.90 -9.76
N ALA A 265 -16.59 -9.10 -10.46
CA ALA A 265 -16.17 -9.43 -11.82
C ALA A 265 -15.36 -10.71 -11.87
N PHE A 266 -14.75 -11.11 -10.76
CA PHE A 266 -14.00 -12.36 -10.66
C PHE A 266 -14.83 -13.47 -10.01
N ASN A 267 -16.13 -13.23 -9.79
CA ASN A 267 -17.04 -14.21 -9.15
C ASN A 267 -16.61 -14.54 -7.72
N VAL A 268 -16.20 -13.50 -6.99
CA VAL A 268 -15.87 -13.58 -5.56
C VAL A 268 -16.84 -12.65 -4.85
N LYS A 269 -17.72 -13.19 -4.00
CA LYS A 269 -18.63 -12.35 -3.23
C LYS A 269 -18.68 -12.73 -1.76
N LYS A 270 -18.49 -11.75 -0.89
CA LYS A 270 -18.58 -11.95 0.56
C LYS A 270 -19.99 -12.31 0.98
#